data_2HTD
#
_entry.id   2HTD
#
_cell.length_a   34.104
_cell.length_b   71.123
_cell.length_c   47.031
_cell.angle_alpha   90.000
_cell.angle_beta   90.860
_cell.angle_gamma   90.000
#
_symmetry.space_group_name_H-M   'P 1 21 1'
#
loop_
_entity.id
_entity.type
_entity.pdbx_description
1 polymer "Predicted flavin-nucleotide-binding protein from COG3576 family structurally related to pyridoxine 5'-phosphate oxidase"
2 non-polymer 'SULFATE ION'
3 non-polymer 'CHLORIDE ION'
4 water water
#
_entity_poly.entity_id   1
_entity_poly.type   'polypeptide(L)'
_entity_poly.pdbx_seq_one_letter_code
;(MSE)GSDKIHHHHHHENLYFQG(MSE)KKLNTNKLTEEQVNLFKNNLVYLATVDADGNPQVGPKGS(MSE)TVLDPSHL
QYLEKTKGEAYENIKRGSKVALVAADVPSHTAVRVLATAEVHEDDDYAKKVLAKTEFPNAFVVNLNIEEVFA
;
_entity_poly.pdbx_strand_id   A,B
#
loop_
_chem_comp.id
_chem_comp.type
_chem_comp.name
_chem_comp.formula
CL non-polymer 'CHLORIDE ION' 'Cl -1'
SO4 non-polymer 'SULFATE ION' 'O4 S -2'
#
# COMPACT_ATOMS: atom_id res chain seq x y z
C GLY A 19 5.15 8.18 12.24
N MSE A 20 5.20 7.12 11.43
CA MSE A 20 6.04 5.98 11.77
C MSE A 20 7.47 6.41 11.42
O MSE A 20 7.67 7.13 10.44
CB MSE A 20 5.56 4.71 11.02
CG MSE A 20 4.29 3.95 11.64
SE MSE A 20 4.08 2.28 10.80
CE MSE A 20 2.36 2.68 9.78
N LYS A 21 8.44 6.00 12.23
CA LYS A 21 9.84 6.47 12.10
C LYS A 21 10.76 5.29 11.84
N LYS A 22 11.90 5.55 11.18
CA LYS A 22 12.91 4.53 10.94
C LYS A 22 13.39 4.00 12.26
N LEU A 23 13.43 2.68 12.42
CA LEU A 23 13.92 2.06 13.67
C LEU A 23 15.41 1.69 13.60
N ASN A 24 16.02 1.87 12.44
CA ASN A 24 17.46 1.62 12.27
C ASN A 24 17.81 0.17 12.55
N THR A 25 17.03 -0.72 11.95
CA THR A 25 17.23 -2.16 12.07
C THR A 25 16.65 -2.85 10.87
N ASN A 26 17.14 -4.06 10.56
CA ASN A 26 16.46 -4.89 9.55
C ASN A 26 15.79 -6.12 10.17
N LYS A 27 15.52 -6.05 11.46
CA LYS A 27 14.95 -7.20 12.20
C LYS A 27 13.66 -6.82 12.91
N LEU A 28 12.58 -7.54 12.59
CA LEU A 28 11.31 -7.40 13.29
C LEU A 28 11.42 -7.83 14.72
N THR A 29 10.69 -7.15 15.60
CA THR A 29 10.54 -7.57 16.98
C THR A 29 9.47 -8.62 17.05
N GLU A 30 9.35 -9.29 18.18
CA GLU A 30 8.27 -10.25 18.35
C GLU A 30 6.87 -9.62 18.14
N GLU A 31 6.63 -8.43 18.66
CA GLU A 31 5.33 -7.77 18.47
CA GLU A 31 5.35 -7.75 18.48
C GLU A 31 5.07 -7.54 17.00
N GLN A 32 6.13 -7.19 16.25
CA GLN A 32 5.97 -6.93 14.82
C GLN A 32 5.74 -8.18 13.99
N VAL A 33 6.41 -9.26 14.37
CA VAL A 33 6.10 -10.58 13.80
C VAL A 33 4.61 -10.87 13.99
N ASN A 34 4.10 -10.68 15.21
CA ASN A 34 2.68 -10.92 15.43
C ASN A 34 1.76 -10.00 14.65
N LEU A 35 2.17 -8.75 14.47
CA LEU A 35 1.39 -7.86 13.60
C LEU A 35 1.26 -8.42 12.18
N PHE A 36 2.37 -8.89 11.62
CA PHE A 36 2.33 -9.49 10.29
C PHE A 36 1.48 -10.75 10.28
N LYS A 37 1.51 -11.50 11.37
CA LYS A 37 0.77 -12.76 11.41
C LYS A 37 -0.73 -12.55 11.48
N ASN A 38 -1.15 -11.52 12.22
CA ASN A 38 -2.56 -11.36 12.61
C ASN A 38 -3.35 -10.30 11.88
N ASN A 39 -2.74 -9.62 10.93
CA ASN A 39 -3.42 -8.58 10.18
C ASN A 39 -3.15 -8.72 8.68
N LEU A 40 -4.09 -8.20 7.89
CA LEU A 40 -3.92 -8.16 6.44
C LEU A 40 -2.81 -7.18 6.08
N VAL A 41 -1.86 -7.66 5.29
CA VAL A 41 -0.67 -6.89 4.88
C VAL A 41 -0.95 -6.24 3.56
N TYR A 42 -0.49 -5.01 3.41
CA TYR A 42 -0.54 -4.31 2.13
C TYR A 42 0.89 -4.08 1.65
N LEU A 43 1.07 -4.23 0.35
CA LEU A 43 2.34 -4.11 -0.35
C LEU A 43 2.28 -2.97 -1.35
N ALA A 44 3.41 -2.26 -1.52
CA ALA A 44 3.49 -1.18 -2.42
C ALA A 44 4.80 -1.27 -3.21
N THR A 45 4.74 -0.92 -4.45
CA THR A 45 5.88 -0.85 -5.35
C THR A 45 5.77 0.40 -6.22
N VAL A 46 6.80 0.65 -7.00
CA VAL A 46 6.82 1.75 -7.96
C VAL A 46 7.22 1.26 -9.29
N ASP A 47 6.64 1.86 -10.31
CA ASP A 47 7.01 1.57 -11.68
C ASP A 47 8.33 2.28 -12.00
N ALA A 48 8.85 2.07 -13.20
CA ALA A 48 10.24 2.49 -13.47
C ALA A 48 10.36 4.01 -13.54
N ASP A 49 9.23 4.67 -13.74
CA ASP A 49 9.09 6.12 -13.70
C ASP A 49 8.80 6.66 -12.30
N GLY A 50 8.57 5.77 -11.34
CA GLY A 50 8.34 6.14 -9.96
C GLY A 50 6.86 6.21 -9.59
N ASN A 51 5.92 5.89 -10.49
CA ASN A 51 4.52 5.94 -10.06
C ASN A 51 4.20 4.79 -9.10
N PRO A 52 3.58 5.09 -7.94
CA PRO A 52 3.34 4.06 -6.94
C PRO A 52 2.17 3.13 -7.29
N GLN A 53 2.21 1.94 -6.68
CA GLN A 53 1.21 0.88 -6.77
C GLN A 53 1.03 0.35 -5.37
N VAL A 54 -0.16 -0.10 -5.03
CA VAL A 54 -0.45 -0.64 -3.72
C VAL A 54 -1.58 -1.65 -3.77
N GLY A 55 -1.44 -2.69 -2.96
CA GLY A 55 -2.50 -3.74 -2.95
C GLY A 55 -2.34 -4.71 -1.80
N PRO A 56 -3.45 -5.39 -1.45
CA PRO A 56 -3.41 -6.34 -0.35
C PRO A 56 -2.66 -7.62 -0.74
N LYS A 57 -2.02 -8.27 0.23
CA LYS A 57 -1.31 -9.54 0.01
C LYS A 57 -1.62 -10.51 1.13
N GLY A 58 -2.69 -11.28 0.94
CA GLY A 58 -3.11 -12.24 1.96
C GLY A 58 -2.16 -13.38 2.22
N SER A 59 -1.34 -13.73 1.25
CA SER A 59 -0.36 -14.84 1.43
C SER A 59 0.97 -14.49 2.13
N MSE A 60 1.13 -13.26 2.61
CA MSE A 60 2.35 -12.81 3.22
C MSE A 60 2.67 -13.64 4.47
O MSE A 60 1.78 -13.82 5.31
CB MSE A 60 2.26 -11.33 3.59
CG MSE A 60 3.53 -10.70 3.98
SE MSE A 60 4.88 -10.55 2.67
CE MSE A 60 3.79 -9.51 1.33
N THR A 61 3.94 -14.05 4.61
CA THR A 61 4.39 -14.91 5.70
C THR A 61 5.74 -14.43 6.15
N VAL A 62 5.94 -14.33 7.46
CA VAL A 62 7.28 -14.09 8.00
C VAL A 62 8.06 -15.40 8.04
N LEU A 63 9.26 -15.40 7.45
CA LEU A 63 10.15 -16.58 7.49
C LEU A 63 11.11 -16.48 8.69
N ASP A 64 11.60 -15.28 8.94
CA ASP A 64 12.50 -15.02 10.08
C ASP A 64 12.51 -13.52 10.32
N PRO A 65 13.22 -13.03 11.36
CA PRO A 65 12.98 -11.58 11.59
C PRO A 65 13.38 -10.61 10.46
N SER A 66 14.14 -11.06 9.46
CA SER A 66 14.63 -10.19 8.42
C SER A 66 14.12 -10.63 7.03
N HIS A 67 13.21 -11.60 7.00
CA HIS A 67 12.75 -12.15 5.71
C HIS A 67 11.29 -12.50 5.73
N LEU A 68 10.60 -12.10 4.66
CA LEU A 68 9.22 -12.49 4.46
CA LEU A 68 9.21 -12.44 4.43
C LEU A 68 9.07 -13.21 3.12
N GLN A 69 7.88 -13.75 2.90
CA GLN A 69 7.60 -14.46 1.67
C GLN A 69 6.14 -14.40 1.34
N TYR A 70 5.83 -14.26 0.05
CA TYR A 70 4.43 -14.30 -0.39
C TYR A 70 4.32 -15.02 -1.72
N LEU A 71 3.08 -15.26 -2.14
CA LEU A 71 2.85 -15.94 -3.40
C LEU A 71 2.38 -14.90 -4.37
N GLU A 72 2.91 -14.97 -5.58
CA GLU A 72 2.43 -14.13 -6.65
C GLU A 72 1.60 -15.01 -7.56
N LYS A 73 0.29 -14.93 -7.39
CA LYS A 73 -0.60 -15.81 -8.13
C LYS A 73 -1.04 -15.19 -9.47
N THR A 74 -1.08 -13.86 -9.52
CA THR A 74 -1.69 -13.15 -10.64
C THR A 74 -0.66 -12.50 -11.53
N LYS A 75 0.51 -12.22 -11.00
CA LYS A 75 1.54 -11.70 -11.85
C LYS A 75 1.01 -10.42 -12.56
N GLY A 76 0.51 -9.47 -11.75
CA GLY A 76 -0.02 -8.16 -12.15
C GLY A 76 0.98 -6.99 -12.07
N GLU A 77 0.56 -5.82 -11.56
CA GLU A 77 1.40 -4.62 -11.67
C GLU A 77 2.54 -4.63 -10.67
N ALA A 78 2.31 -5.08 -9.43
CA ALA A 78 3.39 -5.22 -8.46
C ALA A 78 4.46 -6.12 -9.04
N TYR A 79 4.04 -7.23 -9.62
CA TYR A 79 4.99 -8.16 -10.25
C TYR A 79 5.81 -7.48 -11.32
N GLU A 80 5.12 -6.77 -12.21
CA GLU A 80 5.83 -6.12 -13.31
C GLU A 80 6.82 -5.06 -12.76
N ASN A 81 6.43 -4.35 -11.70
CA ASN A 81 7.31 -3.35 -11.14
C ASN A 81 8.56 -3.97 -10.47
N ILE A 82 8.33 -5.07 -9.76
CA ILE A 82 9.44 -5.78 -9.13
C ILE A 82 10.38 -6.33 -10.18
N LYS A 83 9.84 -6.88 -11.26
CA LYS A 83 10.66 -7.41 -12.36
C LYS A 83 11.62 -6.36 -12.91
N ARG A 84 11.20 -5.08 -12.85
CA ARG A 84 11.99 -3.94 -13.38
CA ARG A 84 12.02 -3.97 -13.39
C ARG A 84 12.85 -3.27 -12.32
N GLY A 85 12.79 -3.78 -11.09
CA GLY A 85 13.72 -3.39 -10.02
C GLY A 85 13.15 -2.66 -8.83
N SER A 86 11.82 -2.53 -8.76
CA SER A 86 11.20 -1.88 -7.59
C SER A 86 11.58 -2.54 -6.29
N LYS A 87 11.92 -1.74 -5.28
CA LYS A 87 11.86 -2.26 -3.93
C LYS A 87 10.41 -2.39 -3.46
N VAL A 88 10.21 -3.01 -2.32
CA VAL A 88 8.87 -3.37 -1.89
C VAL A 88 8.64 -2.81 -0.49
N ALA A 89 7.57 -2.07 -0.31
CA ALA A 89 7.15 -1.59 1.01
C ALA A 89 6.00 -2.46 1.48
N LEU A 90 6.01 -2.79 2.76
CA LEU A 90 4.89 -3.51 3.35
C LEU A 90 4.43 -2.77 4.58
N VAL A 91 3.14 -2.88 4.88
CA VAL A 91 2.63 -2.48 6.17
C VAL A 91 1.70 -3.57 6.70
N ALA A 92 1.84 -3.79 8.01
CA ALA A 92 0.93 -4.61 8.80
C ALA A 92 0.41 -3.71 9.94
N ALA A 93 -0.83 -3.29 9.77
CA ALA A 93 -1.49 -2.36 10.70
C ALA A 93 -2.65 -3.03 11.38
N ASP A 94 -2.73 -2.90 12.70
CA ASP A 94 -3.90 -3.24 13.48
C ASP A 94 -4.51 -1.87 13.83
N VAL A 95 -5.38 -1.37 12.94
CA VAL A 95 -5.82 0.01 13.03
C VAL A 95 -6.64 0.24 14.32
N PRO A 96 -7.58 -0.70 14.66
CA PRO A 96 -8.29 -0.51 15.92
C PRO A 96 -7.36 -0.37 17.13
N SER A 97 -6.27 -1.14 17.17
CA SER A 97 -5.37 -1.14 18.35
CA SER A 97 -5.39 -1.13 18.35
C SER A 97 -4.28 -0.09 18.29
N HIS A 98 -4.25 0.70 17.22
CA HIS A 98 -3.24 1.74 17.04
C HIS A 98 -1.83 1.19 17.09
N THR A 99 -1.62 0.06 16.42
CA THR A 99 -0.27 -0.48 16.31
C THR A 99 -0.05 -0.80 14.85
N ALA A 100 1.21 -0.67 14.44
CA ALA A 100 1.53 -0.93 13.05
C ALA A 100 3.00 -1.05 12.87
N VAL A 101 3.40 -1.76 11.82
CA VAL A 101 4.77 -1.82 11.43
C VAL A 101 4.88 -1.73 9.93
N ARG A 102 5.94 -1.10 9.44
CA ARG A 102 6.21 -0.95 8.02
CA ARG A 102 6.19 -1.03 8.02
C ARG A 102 7.62 -1.48 7.74
N VAL A 103 7.82 -2.06 6.56
CA VAL A 103 9.15 -2.45 6.11
C VAL A 103 9.40 -2.00 4.69
N LEU A 104 10.69 -1.78 4.42
CA LEU A 104 11.21 -1.67 3.06
C LEU A 104 12.11 -2.89 2.84
N ALA A 105 11.93 -3.52 1.70
CA ALA A 105 12.60 -4.81 1.41
C ALA A 105 12.97 -4.88 -0.05
N THR A 106 13.95 -5.74 -0.34
CA THR A 106 14.19 -6.14 -1.75
CA THR A 106 14.30 -6.16 -1.70
C THR A 106 13.68 -7.53 -2.01
N ALA A 107 13.25 -7.75 -3.25
CA ALA A 107 12.66 -9.01 -3.64
C ALA A 107 13.64 -9.95 -4.36
N GLU A 108 13.39 -11.25 -4.15
CA GLU A 108 13.96 -12.34 -4.94
C GLU A 108 12.80 -13.17 -5.46
N VAL A 109 12.66 -13.29 -6.77
CA VAL A 109 11.54 -13.97 -7.38
C VAL A 109 11.94 -15.38 -7.75
N HIS A 110 11.19 -16.38 -7.28
CA HIS A 110 11.44 -17.79 -7.53
C HIS A 110 10.28 -18.30 -8.37
N GLU A 111 10.54 -18.62 -9.63
CA GLU A 111 9.41 -18.93 -10.49
C GLU A 111 9.06 -20.43 -10.46
N ASP A 112 10.02 -21.27 -10.77
CA ASP A 112 9.77 -22.71 -10.73
C ASP A 112 11.06 -23.45 -10.46
N ASP A 113 11.88 -22.91 -9.55
CA ASP A 113 13.10 -23.59 -9.15
C ASP A 113 12.75 -24.56 -8.02
N ASP A 114 13.75 -25.27 -7.53
CA ASP A 114 13.51 -26.26 -6.50
C ASP A 114 12.93 -25.64 -5.23
N TYR A 115 13.33 -24.41 -4.93
CA TYR A 115 12.86 -23.71 -3.75
C TYR A 115 11.39 -23.45 -3.89
N ALA A 116 10.99 -22.91 -5.05
CA ALA A 116 9.58 -22.61 -5.30
C ALA A 116 8.76 -23.87 -5.12
N LYS A 117 9.24 -24.99 -5.66
CA LYS A 117 8.49 -26.23 -5.59
C LYS A 117 8.29 -26.71 -4.15
N LYS A 118 9.36 -26.61 -3.37
CA LYS A 118 9.35 -27.01 -1.97
C LYS A 118 8.28 -26.19 -1.23
N VAL A 119 8.28 -24.88 -1.49
CA VAL A 119 7.37 -23.99 -0.80
C VAL A 119 5.90 -24.25 -1.20
N LEU A 120 5.69 -24.42 -2.50
CA LEU A 120 4.35 -24.52 -3.03
C LEU A 120 3.70 -25.88 -2.80
N ALA A 121 4.50 -26.88 -2.44
CA ALA A 121 4.00 -28.22 -2.16
C ALA A 121 3.03 -28.22 -1.00
N LYS A 122 3.17 -27.22 -0.15
CA LYS A 122 2.34 -27.08 1.03
C LYS A 122 1.10 -26.22 0.76
N THR A 123 0.82 -25.95 -0.52
CA THR A 123 -0.24 -25.01 -0.90
C THR A 123 -1.05 -25.61 -2.03
N GLU A 124 -2.20 -25.00 -2.28
CA GLU A 124 -3.02 -25.30 -3.44
C GLU A 124 -2.64 -24.47 -4.66
N PHE A 125 -1.46 -23.86 -4.67
CA PHE A 125 -1.08 -22.91 -5.73
C PHE A 125 0.23 -23.33 -6.41
N PRO A 126 0.21 -24.49 -7.08
CA PRO A 126 1.49 -25.00 -7.57
C PRO A 126 2.11 -24.16 -8.70
N ASN A 127 1.34 -23.30 -9.32
CA ASN A 127 1.85 -22.50 -10.42
C ASN A 127 2.06 -21.03 -10.07
N ALA A 128 1.95 -20.70 -8.78
CA ALA A 128 2.23 -19.34 -8.35
C ALA A 128 3.73 -19.14 -8.40
N PHE A 129 4.18 -17.89 -8.37
CA PHE A 129 5.61 -17.64 -8.14
C PHE A 129 5.75 -17.35 -6.67
N VAL A 130 6.94 -17.61 -6.12
CA VAL A 130 7.26 -17.38 -4.73
C VAL A 130 8.20 -16.20 -4.66
N VAL A 131 7.83 -15.19 -3.89
CA VAL A 131 8.63 -13.97 -3.81
C VAL A 131 9.14 -13.87 -2.40
N ASN A 132 10.45 -13.88 -2.27
CA ASN A 132 11.11 -13.70 -0.96
C ASN A 132 11.52 -12.27 -0.81
N LEU A 133 11.29 -11.70 0.36
CA LEU A 133 11.60 -10.29 0.66
C LEU A 133 12.64 -10.20 1.77
N ASN A 134 13.76 -9.52 1.46
CA ASN A 134 14.82 -9.28 2.43
CA ASN A 134 14.82 -9.28 2.41
C ASN A 134 14.63 -7.89 3.00
N ILE A 135 14.38 -7.81 4.30
CA ILE A 135 14.12 -6.54 4.95
C ILE A 135 15.40 -5.70 4.97
N GLU A 136 15.28 -4.44 4.53
CA GLU A 136 16.34 -3.47 4.63
C GLU A 136 16.14 -2.49 5.79
N GLU A 137 14.90 -2.15 6.08
CA GLU A 137 14.54 -1.19 7.13
C GLU A 137 13.17 -1.51 7.68
N VAL A 138 13.03 -1.33 8.99
CA VAL A 138 11.77 -1.39 9.71
C VAL A 138 11.40 0.02 10.23
N PHE A 139 10.11 0.34 10.15
CA PHE A 139 9.58 1.60 10.61
C PHE A 139 8.42 1.34 11.55
N ALA A 140 8.31 2.14 12.58
CA ALA A 140 7.17 2.03 13.46
C ALA A 140 7.02 3.32 14.25
N PHE B 17 -7.31 -12.14 -4.62
CA PHE B 17 -7.36 -10.90 -5.45
C PHE B 17 -6.66 -11.06 -6.81
N GLN B 18 -7.40 -10.72 -7.88
CA GLN B 18 -6.88 -10.76 -9.25
C GLN B 18 -5.86 -9.65 -9.54
N GLY B 19 -5.01 -9.89 -10.53
CA GLY B 19 -4.08 -8.86 -11.03
C GLY B 19 -4.93 -7.77 -11.63
N MSE B 20 -4.51 -6.52 -11.44
CA MSE B 20 -5.29 -5.41 -11.92
CA MSE B 20 -5.28 -5.38 -11.88
C MSE B 20 -4.76 -4.93 -13.24
O MSE B 20 -3.57 -5.04 -13.54
CB MSE B 20 -5.24 -4.29 -10.92
CB MSE B 20 -5.16 -4.25 -10.85
CG MSE B 20 -5.81 -4.67 -9.59
CG MSE B 20 -5.32 -4.71 -9.40
SE MSE B 20 -6.00 -3.09 -8.70
SE MSE B 20 -7.12 -4.61 -8.68
CE MSE B 20 -6.78 -3.64 -7.32
CE MSE B 20 -6.75 -3.19 -7.51
N LYS B 21 -5.67 -4.43 -14.06
CA LYS B 21 -5.27 -3.84 -15.31
C LYS B 21 -5.77 -2.42 -15.31
N LYS B 22 -5.10 -1.60 -16.09
CA LYS B 22 -5.44 -0.22 -16.28
C LYS B 22 -6.78 -0.22 -17.01
N LEU B 23 -7.73 0.56 -16.54
CA LEU B 23 -9.05 0.65 -17.14
C LEU B 23 -9.13 1.79 -18.14
N ASN B 24 -8.07 2.58 -18.28
CA ASN B 24 -8.08 3.69 -19.26
C ASN B 24 -9.26 4.64 -19.07
N THR B 25 -9.47 4.98 -17.80
CA THR B 25 -10.38 6.02 -17.39
C THR B 25 -9.86 6.66 -16.11
N ASN B 26 -10.32 7.86 -15.81
CA ASN B 26 -10.07 8.48 -14.53
C ASN B 26 -11.35 8.61 -13.71
N LYS B 27 -12.39 7.85 -14.09
CA LYS B 27 -13.69 7.96 -13.44
C LYS B 27 -14.03 6.63 -12.76
N LEU B 28 -14.24 6.65 -11.45
CA LEU B 28 -14.73 5.47 -10.72
C LEU B 28 -16.13 5.09 -11.11
N THR B 29 -16.41 3.79 -11.20
CA THR B 29 -17.80 3.33 -11.32
C THR B 29 -18.44 3.42 -9.93
N GLU B 30 -19.76 3.21 -9.89
CA GLU B 30 -20.43 3.24 -8.59
C GLU B 30 -19.92 2.14 -7.68
N GLU B 31 -19.64 0.95 -8.22
CA GLU B 31 -19.14 -0.13 -7.39
C GLU B 31 -17.83 0.28 -6.81
N GLN B 32 -17.00 0.98 -7.60
CA GLN B 32 -15.67 1.38 -7.08
C GLN B 32 -15.74 2.52 -6.05
N VAL B 33 -16.65 3.46 -6.31
CA VAL B 33 -16.94 4.48 -5.32
C VAL B 33 -17.34 3.83 -3.99
N ASN B 34 -18.20 2.83 -4.04
CA ASN B 34 -18.60 2.16 -2.79
C ASN B 34 -17.49 1.37 -2.15
N LEU B 35 -16.57 0.82 -2.94
CA LEU B 35 -15.37 0.25 -2.32
C LEU B 35 -14.58 1.24 -1.45
N PHE B 36 -14.35 2.44 -2.03
CA PHE B 36 -13.66 3.50 -1.33
C PHE B 36 -14.42 4.00 -0.12
N LYS B 37 -15.73 4.08 -0.23
CA LYS B 37 -16.55 4.53 0.89
C LYS B 37 -16.59 3.55 2.07
N ASN B 38 -16.61 2.25 1.77
CA ASN B 38 -17.01 1.22 2.72
C ASN B 38 -15.85 0.46 3.34
N ASN B 39 -14.65 0.66 2.83
CA ASN B 39 -13.50 -0.09 3.31
C ASN B 39 -12.37 0.83 3.75
N LEU B 40 -11.49 0.32 4.61
CA LEU B 40 -10.32 1.03 5.01
C LEU B 40 -9.41 1.14 3.80
N VAL B 41 -9.07 2.35 3.42
CA VAL B 41 -8.22 2.63 2.26
C VAL B 41 -6.76 2.66 2.67
N TYR B 42 -5.90 2.12 1.80
CA TYR B 42 -4.44 2.20 1.98
C TYR B 42 -3.87 3.07 0.91
N LEU B 43 -2.88 3.86 1.28
CA LEU B 43 -2.28 4.87 0.43
C LEU B 43 -0.78 4.65 0.34
N ALA B 44 -0.23 4.87 -0.84
CA ALA B 44 1.19 4.67 -1.10
C ALA B 44 1.74 5.92 -1.75
N THR B 45 2.97 6.27 -1.36
CA THR B 45 3.72 7.41 -1.87
C THR B 45 5.14 6.97 -2.11
N VAL B 46 5.94 7.88 -2.67
CA VAL B 46 7.31 7.58 -3.06
C VAL B 46 8.23 8.55 -2.33
N ASP B 47 9.25 8.00 -1.70
CA ASP B 47 10.17 8.78 -0.91
C ASP B 47 11.26 9.38 -1.74
N ALA B 48 12.18 10.06 -1.06
CA ALA B 48 13.18 10.83 -1.74
C ALA B 48 14.19 9.97 -2.53
N ASP B 49 14.31 8.69 -2.18
CA ASP B 49 15.22 7.77 -2.88
C ASP B 49 14.49 6.99 -3.96
N GLY B 50 13.22 7.26 -4.17
CA GLY B 50 12.46 6.57 -5.18
C GLY B 50 11.81 5.30 -4.67
N ASN B 51 11.78 5.11 -3.36
CA ASN B 51 11.22 3.90 -2.78
C ASN B 51 9.81 4.10 -2.32
N PRO B 52 9.01 3.02 -2.36
CA PRO B 52 7.65 3.15 -1.89
C PRO B 52 7.50 3.24 -0.38
N GLN B 53 6.37 3.82 0.02
CA GLN B 53 5.92 3.91 1.41
C GLN B 53 4.45 3.59 1.40
N VAL B 54 3.92 2.97 2.46
CA VAL B 54 2.46 2.60 2.44
C VAL B 54 1.87 2.61 3.83
N GLY B 55 0.63 3.04 3.92
CA GLY B 55 -0.08 3.05 5.20
C GLY B 55 -1.58 3.29 5.00
N PRO B 56 -2.36 2.98 6.04
CA PRO B 56 -3.81 3.12 6.05
C PRO B 56 -4.25 4.59 6.15
N LYS B 57 -5.39 4.96 5.54
CA LYS B 57 -5.97 6.29 5.73
C LYS B 57 -7.48 6.18 5.99
N GLY B 58 -7.85 6.27 7.25
CA GLY B 58 -9.25 6.11 7.64
C GLY B 58 -10.19 7.21 7.19
N SER B 59 -9.66 8.39 6.92
CA SER B 59 -10.50 9.57 6.60
C SER B 59 -10.82 9.76 5.12
N MSE B 60 -10.50 8.78 4.28
CA MSE B 60 -10.74 8.91 2.85
C MSE B 60 -12.21 9.04 2.54
O MSE B 60 -13.03 8.33 3.12
CB MSE B 60 -10.19 7.67 2.11
CG MSE B 60 -10.02 7.84 0.62
SE MSE B 60 -8.70 9.09 0.17
CE MSE B 60 -7.27 8.46 1.18
N THR B 61 -12.55 9.98 1.67
CA THR B 61 -13.87 10.10 1.09
C THR B 61 -13.82 10.34 -0.40
N VAL B 62 -14.99 10.20 -1.02
CA VAL B 62 -15.12 10.34 -2.45
C VAL B 62 -15.87 11.63 -2.67
N LEU B 63 -15.27 12.56 -3.42
CA LEU B 63 -15.96 13.81 -3.73
C LEU B 63 -16.84 13.66 -4.97
N ASP B 64 -16.33 12.95 -5.94
CA ASP B 64 -17.00 12.68 -7.19
C ASP B 64 -16.16 11.55 -7.86
N PRO B 65 -16.65 10.98 -8.96
CA PRO B 65 -16.00 9.82 -9.56
C PRO B 65 -14.53 10.00 -9.93
N SER B 66 -14.06 11.25 -10.04
CA SER B 66 -12.63 11.47 -10.36
C SER B 66 -11.84 12.14 -9.26
N HIS B 67 -12.45 12.33 -8.08
CA HIS B 67 -11.78 13.02 -6.97
C HIS B 67 -12.07 12.44 -5.61
N LEU B 68 -11.00 12.25 -4.83
CA LEU B 68 -11.09 11.80 -3.47
C LEU B 68 -10.52 12.85 -2.54
N GLN B 69 -10.73 12.66 -1.25
CA GLN B 69 -10.24 13.59 -0.25
C GLN B 69 -9.97 12.89 1.06
N TYR B 70 -8.93 13.30 1.78
CA TYR B 70 -8.71 12.81 3.13
C TYR B 70 -8.08 13.87 4.00
N LEU B 71 -8.07 13.62 5.30
CA LEU B 71 -7.44 14.52 6.25
C LEU B 71 -6.07 14.02 6.57
N GLU B 72 -5.11 14.93 6.54
CA GLU B 72 -3.76 14.62 6.96
C GLU B 72 -3.58 15.17 8.36
N LYS B 73 -3.60 14.26 9.32
CA LYS B 73 -3.53 14.60 10.74
C LYS B 73 -2.13 14.44 11.29
N THR B 74 -1.41 13.44 10.80
CA THR B 74 -0.12 13.02 11.34
C THR B 74 1.00 13.88 10.78
N LYS B 75 0.89 14.24 9.50
CA LYS B 75 1.90 15.01 8.81
C LYS B 75 3.26 14.31 8.96
N GLY B 76 3.26 13.03 8.56
CA GLY B 76 4.42 12.15 8.67
C GLY B 76 5.05 11.90 7.30
N GLU B 77 5.49 10.68 7.05
CA GLU B 77 6.20 10.40 5.79
C GLU B 77 5.37 10.57 4.52
N ALA B 78 4.15 10.06 4.49
CA ALA B 78 3.29 10.27 3.34
C ALA B 78 3.17 11.76 3.04
N TYR B 79 2.96 12.57 4.07
CA TYR B 79 2.76 13.98 3.85
C TYR B 79 4.02 14.62 3.32
N GLU B 80 5.17 14.31 3.93
CA GLU B 80 6.44 14.84 3.46
C GLU B 80 6.72 14.40 2.02
N ASN B 81 6.35 13.17 1.64
CA ASN B 81 6.55 12.71 0.25
C ASN B 81 5.67 13.48 -0.71
N ILE B 82 4.42 13.70 -0.30
CA ILE B 82 3.47 14.45 -1.12
C ILE B 82 3.95 15.89 -1.27
N LYS B 83 4.44 16.48 -0.17
CA LYS B 83 4.92 17.87 -0.19
C LYS B 83 6.13 17.99 -1.11
N ARG B 84 6.85 16.89 -1.31
CA ARG B 84 8.03 16.87 -2.19
C ARG B 84 7.67 16.52 -3.64
N GLY B 85 6.40 16.28 -3.91
CA GLY B 85 5.90 16.07 -5.27
C GLY B 85 5.46 14.68 -5.64
N SER B 86 5.47 13.77 -4.69
CA SER B 86 5.03 12.40 -4.99
C SER B 86 3.61 12.33 -5.52
N LYS B 87 3.39 11.45 -6.50
CA LYS B 87 2.04 10.99 -6.78
C LYS B 87 1.59 9.99 -5.70
N VAL B 88 0.29 9.66 -5.71
CA VAL B 88 -0.32 8.90 -4.66
C VAL B 88 -1.07 7.75 -5.32
N ALA B 89 -0.85 6.56 -4.80
CA ALA B 89 -1.68 5.39 -5.17
C ALA B 89 -2.57 5.05 -3.98
N LEU B 90 -3.82 4.68 -4.29
CA LEU B 90 -4.77 4.25 -3.27
CA LEU B 90 -4.77 4.27 -3.27
C LEU B 90 -5.42 2.96 -3.68
N VAL B 91 -5.65 2.10 -2.71
CA VAL B 91 -6.42 0.88 -2.92
C VAL B 91 -7.52 0.77 -1.90
N ALA B 92 -8.65 0.26 -2.34
CA ALA B 92 -9.76 -0.12 -1.46
C ALA B 92 -10.14 -1.56 -1.81
N ALA B 93 -10.07 -2.46 -0.83
CA ALA B 93 -10.27 -3.89 -1.07
C ALA B 93 -11.37 -4.41 -0.17
N ASP B 94 -12.18 -5.31 -0.70
CA ASP B 94 -13.24 -5.98 0.04
C ASP B 94 -12.83 -7.43 0.12
N VAL B 95 -12.39 -7.87 1.30
CA VAL B 95 -11.83 -9.19 1.45
C VAL B 95 -12.89 -10.28 1.21
N PRO B 96 -14.09 -10.12 1.78
CA PRO B 96 -15.07 -11.20 1.60
C PRO B 96 -15.40 -11.54 0.15
N SER B 97 -15.37 -10.54 -0.73
CA SER B 97 -15.63 -10.76 -2.14
C SER B 97 -14.34 -10.87 -2.98
N HIS B 98 -13.20 -10.53 -2.37
CA HIS B 98 -11.95 -10.35 -3.12
C HIS B 98 -12.09 -9.44 -4.32
N THR B 99 -12.80 -8.32 -4.13
CA THR B 99 -12.89 -7.30 -5.17
C THR B 99 -12.06 -6.15 -4.66
N ALA B 100 -11.54 -5.33 -5.58
CA ALA B 100 -10.70 -4.22 -5.20
C ALA B 100 -10.62 -3.26 -6.37
N VAL B 101 -10.21 -2.05 -6.03
CA VAL B 101 -9.93 -1.01 -7.02
C VAL B 101 -8.73 -0.21 -6.56
N ARG B 102 -7.90 0.24 -7.50
CA ARG B 102 -6.75 1.06 -7.17
C ARG B 102 -6.80 2.27 -8.03
N VAL B 103 -6.30 3.38 -7.53
CA VAL B 103 -6.14 4.56 -8.35
C VAL B 103 -4.72 5.08 -8.26
N LEU B 104 -4.34 5.80 -9.30
CA LEU B 104 -3.15 6.66 -9.28
C LEU B 104 -3.71 8.08 -9.35
N ALA B 105 -3.21 8.95 -8.46
CA ALA B 105 -3.73 10.31 -8.31
C ALA B 105 -2.61 11.30 -8.09
N THR B 106 -2.89 12.56 -8.42
CA THR B 106 -2.05 13.66 -8.02
C THR B 106 -2.71 14.35 -6.84
N ALA B 107 -1.91 14.87 -5.91
CA ALA B 107 -2.38 15.45 -4.69
C ALA B 107 -2.42 16.96 -4.76
N GLU B 108 -3.44 17.53 -4.15
CA GLU B 108 -3.62 18.99 -4.04
C GLU B 108 -3.82 19.23 -2.54
N VAL B 109 -2.84 19.83 -1.89
CA VAL B 109 -2.89 19.96 -0.45
C VAL B 109 -3.34 21.35 -0.02
N HIS B 110 -4.29 21.40 0.92
CA HIS B 110 -4.84 22.64 1.42
C HIS B 110 -4.57 22.69 2.87
N GLU B 111 -3.70 23.59 3.30
CA GLU B 111 -3.24 23.61 4.69
C GLU B 111 -4.14 24.50 5.55
N ASP B 112 -4.23 25.78 5.21
CA ASP B 112 -5.07 26.70 5.98
C ASP B 112 -5.70 27.80 5.12
N ASP B 113 -6.08 27.44 3.91
CA ASP B 113 -6.77 28.36 3.04
C ASP B 113 -8.25 28.30 3.35
N ASP B 114 -9.07 29.10 2.69
CA ASP B 114 -10.47 29.13 3.01
C ASP B 114 -11.15 27.80 2.65
N TYR B 115 -10.66 27.10 1.64
CA TYR B 115 -11.24 25.79 1.32
C TYR B 115 -11.02 24.81 2.45
N ALA B 116 -9.79 24.74 2.96
CA ALA B 116 -9.48 23.90 4.10
C ALA B 116 -10.38 24.26 5.29
N LYS B 117 -10.50 25.55 5.58
CA LYS B 117 -11.31 25.96 6.69
C LYS B 117 -12.77 25.50 6.56
N LYS B 118 -13.31 25.58 5.34
CA LYS B 118 -14.69 25.18 5.07
C LYS B 118 -14.86 23.67 5.28
N VAL B 119 -13.94 22.90 4.73
CA VAL B 119 -13.95 21.45 4.88
C VAL B 119 -13.79 21.03 6.35
N LEU B 120 -12.83 21.65 7.03
CA LEU B 120 -12.51 21.21 8.37
C LEU B 120 -13.55 21.64 9.38
N ALA B 121 -14.36 22.64 9.05
CA ALA B 121 -15.41 23.09 9.98
C ALA B 121 -16.43 21.98 10.21
N LYS B 122 -16.51 21.04 9.27
CA LYS B 122 -17.43 19.90 9.39
C LYS B 122 -16.80 18.73 10.18
N THR B 123 -15.58 18.92 10.68
CA THR B 123 -14.83 17.87 11.36
C THR B 123 -14.39 18.36 12.73
N GLU B 124 -13.76 17.48 13.49
CA GLU B 124 -13.17 17.84 14.80
C GLU B 124 -11.64 17.98 14.73
N PHE B 125 -11.10 18.25 13.54
CA PHE B 125 -9.65 18.30 13.36
C PHE B 125 -9.27 19.58 12.61
N PRO B 126 -9.48 20.75 13.26
CA PRO B 126 -9.28 22.03 12.60
C PRO B 126 -7.83 22.28 12.15
N ASN B 127 -6.87 21.58 12.76
CA ASN B 127 -5.48 21.74 12.38
C ASN B 127 -4.96 20.70 11.41
N ALA B 128 -5.80 19.78 11.00
CA ALA B 128 -5.39 18.84 9.97
C ALA B 128 -5.19 19.59 8.65
N PHE B 129 -4.44 18.99 7.73
CA PHE B 129 -4.46 19.43 6.32
C PHE B 129 -5.45 18.62 5.52
N VAL B 130 -6.05 19.26 4.51
CA VAL B 130 -7.01 18.61 3.64
C VAL B 130 -6.29 18.29 2.36
N VAL B 131 -6.24 17.00 2.04
CA VAL B 131 -5.60 16.58 0.81
C VAL B 131 -6.66 16.11 -0.16
N ASN B 132 -6.75 16.77 -1.30
CA ASN B 132 -7.61 16.35 -2.39
C ASN B 132 -6.77 15.54 -3.37
N LEU B 133 -7.39 14.54 -3.99
CA LEU B 133 -6.67 13.62 -4.86
C LEU B 133 -7.40 13.60 -6.18
N ASN B 134 -6.70 13.94 -7.24
CA ASN B 134 -7.22 13.99 -8.58
C ASN B 134 -6.83 12.71 -9.27
N ILE B 135 -7.83 11.88 -9.52
CA ILE B 135 -7.60 10.60 -10.11
C ILE B 135 -7.11 10.76 -11.54
N GLU B 136 -5.98 10.13 -11.82
CA GLU B 136 -5.41 10.07 -13.16
C GLU B 136 -5.75 8.78 -13.88
N GLU B 137 -5.73 7.67 -13.14
CA GLU B 137 -6.00 6.38 -13.71
C GLU B 137 -6.63 5.48 -12.66
N VAL B 138 -7.48 4.59 -13.13
CA VAL B 138 -8.12 3.56 -12.33
C VAL B 138 -7.68 2.19 -12.83
N PHE B 139 -7.48 1.28 -11.87
CA PHE B 139 -7.08 -0.08 -12.14
C PHE B 139 -8.04 -1.01 -11.41
N ALA B 140 -8.44 -2.10 -12.05
CA ALA B 140 -9.22 -3.13 -11.35
C ALA B 140 -9.08 -4.47 -12.02
S SO4 C . 3.11 8.22 8.13
O1 SO4 C . 2.19 9.18 8.75
O2 SO4 C . 2.98 8.35 6.69
O3 SO4 C . 4.47 8.50 8.59
O4 SO4 C . 2.76 6.91 8.64
S SO4 D . 20.06 -4.61 13.56
O1 SO4 D . 19.00 -4.59 14.58
O2 SO4 D . 20.79 -3.33 13.69
O3 SO4 D . 20.96 -5.75 13.81
O4 SO4 D . 19.55 -4.76 12.22
S SO4 E . -1.71 -5.44 -8.80
O1 SO4 E . -2.06 -4.22 -8.05
O2 SO4 E . -1.76 -5.11 -10.24
O3 SO4 E . -0.40 -5.98 -8.36
O4 SO4 E . -2.70 -6.51 -8.59
S SO4 F . -2.90 -13.32 -2.16
O1 SO4 F . -3.82 -12.28 -1.67
O2 SO4 F . -2.52 -12.93 -3.50
O3 SO4 F . -1.73 -13.41 -1.33
O4 SO4 F . -3.61 -14.58 -2.16
S SO4 G . 11.92 -21.26 4.29
O1 SO4 G . 11.43 -20.94 5.62
O2 SO4 G . 12.72 -20.18 3.73
O3 SO4 G . 12.71 -22.50 4.31
O4 SO4 G . 10.76 -21.47 3.41
CL CL H . -21.32 2.85 -12.77
S SO4 I . -6.68 8.95 9.30
O1 SO4 I . -7.81 9.13 10.22
O2 SO4 I . -5.48 9.64 9.84
O3 SO4 I . -6.24 7.54 9.32
O4 SO4 I . -7.02 9.43 7.96
#